data_1XAN
#
_entry.id   1XAN
#
_cell.length_a   119.790
_cell.length_b   63.350
_cell.length_c   84.650
_cell.angle_alpha   90.00
_cell.angle_beta   58.61
_cell.angle_gamma   90.00
#
_symmetry.space_group_name_H-M   'C 1 2 1'
#
loop_
_entity.id
_entity.type
_entity.pdbx_description
1 polymer 'GLUTATHIONE REDUCTASE'
2 non-polymer 'FLAVIN-ADENINE DINUCLEOTIDE'
3 non-polymer '3,6-DIHYDROXY-XANTHENE-9-PROPIONIC ACID'
4 water water
#
_entity_poly.entity_id   1
_entity_poly.type   'polypeptide(L)'
_entity_poly.pdbx_seq_one_letter_code
;VASYDYLVIGGGSGGLASARRAAELGARAAVVESHKLGGTCVNVGCVPKKVMWNTAVHSEFMHDHADYGFPSCEGKFNWR
VIKEKRDAYVSRLNAIYQNNLTKSHIEIIRGHAAFTSDPKPTIEVSGKKYTAPHILIATGGMPSTPHESQIPGASLGITS
DGFFQLEELPGRSVIVGAGYIAVEMAGILSALGSKTSLMIRHDKVLRSFDSMISTNCTEELENAGVEVLKFSQVKEVKKT
LSGLEVSMVTAVPGRLPVMTMIPDVDCLLWAIGRVPNTKDLSLNKLGIQTDDKGHIIVDEFQNTNVKGIYAVGDVCGKAL
LTPVAIAAGRKLAHRLFEYKEDSKLDYNNIPTVVFSHPPIGTVGLTEDEAIHKYGIENVKTYSTSFTPMYHAVTKRKTKC
VMKMVCANKEEKVVGIHMQGLGCDEMLQGFAVAVKMGATKADFDNTVAIHPTSSEELVTLR
;
_entity_poly.pdbx_strand_id   A
#
loop_
_chem_comp.id
_chem_comp.type
_chem_comp.name
_chem_comp.formula
FAD non-polymer 'FLAVIN-ADENINE DINUCLEOTIDE' 'C27 H33 N9 O15 P2'
HXP non-polymer '3,6-DIHYDROXY-XANTHENE-9-PROPIONIC ACID' 'C16 H14 O5'
#
# COMPACT_ATOMS: atom_id res chain seq x y z
N VAL A 1 -26.78 28.15 1.24
CA VAL A 1 -26.32 26.73 1.04
C VAL A 1 -26.33 26.37 -0.45
N ALA A 2 -25.15 26.26 -1.05
CA ALA A 2 -25.04 25.91 -2.47
C ALA A 2 -25.31 24.42 -2.56
N SER A 3 -26.16 24.04 -3.50
CA SER A 3 -26.51 22.66 -3.66
C SER A 3 -25.88 22.05 -4.90
N TYR A 4 -25.54 20.77 -4.83
CA TYR A 4 -24.95 20.04 -5.96
C TYR A 4 -25.64 18.70 -6.01
N ASP A 5 -25.32 17.92 -7.03
CA ASP A 5 -25.91 16.58 -7.15
C ASP A 5 -25.02 15.63 -6.36
N TYR A 6 -23.74 15.95 -6.33
CA TYR A 6 -22.78 15.08 -5.66
C TYR A 6 -21.68 15.92 -5.07
N LEU A 7 -21.47 15.74 -3.78
CA LEU A 7 -20.44 16.44 -3.03
C LEU A 7 -19.46 15.39 -2.55
N VAL A 8 -18.20 15.53 -2.95
CA VAL A 8 -17.16 14.58 -2.57
C VAL A 8 -16.18 15.23 -1.60
N ILE A 9 -15.96 14.62 -0.45
CA ILE A 9 -15.03 15.18 0.55
C ILE A 9 -13.74 14.38 0.45
N GLY A 10 -12.72 15.03 -0.11
CA GLY A 10 -11.44 14.40 -0.29
C GLY A 10 -11.13 14.28 -1.75
N GLY A 11 -10.05 14.93 -2.17
CA GLY A 11 -9.64 14.87 -3.57
C GLY A 11 -8.50 13.89 -3.81
N GLY A 12 -8.63 12.67 -3.28
CA GLY A 12 -7.61 11.68 -3.48
C GLY A 12 -8.05 10.63 -4.47
N SER A 13 -7.47 9.43 -4.41
CA SER A 13 -7.80 8.35 -5.33
C SER A 13 -9.29 8.07 -5.49
N GLY A 14 -9.98 7.73 -4.41
CA GLY A 14 -11.40 7.42 -4.52
C GLY A 14 -12.30 8.60 -4.80
N GLY A 15 -11.98 9.74 -4.21
CA GLY A 15 -12.80 10.93 -4.42
C GLY A 15 -12.79 11.45 -5.85
N LEU A 16 -11.61 11.61 -6.43
CA LEU A 16 -11.49 12.08 -7.80
C LEU A 16 -12.15 11.12 -8.78
N ALA A 17 -11.87 9.83 -8.63
CA ALA A 17 -12.44 8.82 -9.52
C ALA A 17 -13.97 8.82 -9.51
N SER A 18 -14.55 8.95 -8.32
CA SER A 18 -15.99 8.95 -8.16
C SER A 18 -16.62 10.24 -8.72
N ALA A 19 -15.99 11.39 -8.45
CA ALA A 19 -16.49 12.68 -8.92
C ALA A 19 -16.47 12.74 -10.46
N ARG A 20 -15.37 12.29 -11.04
CA ARG A 20 -15.23 12.28 -12.49
C ARG A 20 -16.22 11.37 -13.19
N ARG A 21 -16.44 10.18 -12.67
CA ARG A 21 -17.38 9.27 -13.32
C ARG A 21 -18.79 9.80 -13.15
N ALA A 22 -19.09 10.38 -11.99
CA ALA A 22 -20.41 10.96 -11.74
C ALA A 22 -20.68 12.08 -12.74
N ALA A 23 -19.71 12.96 -12.96
CA ALA A 23 -19.83 14.08 -13.90
C ALA A 23 -20.13 13.57 -15.30
N GLU A 24 -19.45 12.49 -15.70
CA GLU A 24 -19.68 11.91 -17.03
C GLU A 24 -21.11 11.48 -17.19
N LEU A 25 -21.73 11.10 -16.09
CA LEU A 25 -23.12 10.66 -16.08
C LEU A 25 -24.11 11.83 -15.99
N GLY A 26 -23.61 13.06 -15.94
CA GLY A 26 -24.50 14.21 -15.88
C GLY A 26 -24.61 14.92 -14.56
N ALA A 27 -24.01 14.38 -13.52
CA ALA A 27 -24.10 15.04 -12.21
C ALA A 27 -23.26 16.29 -12.11
N ARG A 28 -23.82 17.30 -11.48
CA ARG A 28 -23.11 18.55 -11.21
C ARG A 28 -22.43 18.19 -9.88
N ALA A 29 -21.11 18.02 -9.93
CA ALA A 29 -20.30 17.60 -8.78
C ALA A 29 -19.27 18.62 -8.34
N ALA A 30 -18.90 18.58 -7.06
CA ALA A 30 -17.88 19.47 -6.51
C ALA A 30 -17.01 18.56 -5.63
N VAL A 31 -15.71 18.83 -5.58
CA VAL A 31 -14.77 18.07 -4.76
C VAL A 31 -14.16 19.02 -3.74
N VAL A 32 -14.15 18.62 -2.47
CA VAL A 32 -13.53 19.43 -1.42
C VAL A 32 -12.15 18.83 -1.11
N GLU A 33 -11.12 19.66 -1.11
CA GLU A 33 -9.78 19.19 -0.82
C GLU A 33 -9.05 20.27 -0.06
N SER A 34 -8.49 19.90 1.06
CA SER A 34 -7.79 20.87 1.89
C SER A 34 -6.32 20.94 1.63
N HIS A 35 -5.81 19.95 0.90
CA HIS A 35 -4.39 19.89 0.61
C HIS A 35 -4.09 19.81 -0.87
N LYS A 36 -3.45 18.74 -1.33
CA LYS A 36 -3.11 18.62 -2.72
C LYS A 36 -3.91 17.55 -3.41
N LEU A 37 -4.41 17.85 -4.60
CA LEU A 37 -5.18 16.87 -5.35
C LEU A 37 -4.28 15.67 -5.66
N GLY A 38 -4.87 14.48 -5.73
CA GLY A 38 -4.09 13.30 -5.99
C GLY A 38 -3.98 12.54 -4.69
N GLY A 39 -4.14 13.26 -3.58
CA GLY A 39 -4.12 12.65 -2.25
C GLY A 39 -2.86 11.93 -1.84
N THR A 40 -3.01 10.92 -1.01
CA THR A 40 -1.86 10.15 -0.52
C THR A 40 -1.03 9.47 -1.62
N CYS A 41 -1.68 8.80 -2.56
CA CYS A 41 -0.97 8.07 -3.61
C CYS A 41 0.02 8.91 -4.45
N VAL A 42 -0.48 10.01 -4.99
CA VAL A 42 0.32 10.90 -5.83
C VAL A 42 1.39 11.66 -5.06
N ASN A 43 1.00 12.18 -3.91
CA ASN A 43 1.89 13.02 -3.10
C ASN A 43 2.89 12.36 -2.17
N VAL A 44 2.46 11.33 -1.44
CA VAL A 44 3.35 10.65 -0.48
C VAL A 44 3.05 9.16 -0.46
N GLY A 45 2.77 8.58 -1.61
CA GLY A 45 2.41 7.18 -1.66
C GLY A 45 2.94 6.50 -2.89
N CYS A 46 2.05 5.83 -3.60
CA CYS A 46 2.40 5.07 -4.79
C CYS A 46 3.42 5.67 -5.73
N VAL A 47 3.15 6.88 -6.23
CA VAL A 47 4.04 7.52 -7.19
C VAL A 47 5.46 7.84 -6.73
N PRO A 48 5.64 8.71 -5.70
CA PRO A 48 7.02 8.91 -5.24
C PRO A 48 7.72 7.62 -4.79
N LYS A 49 6.97 6.68 -4.24
CA LYS A 49 7.54 5.38 -3.82
C LYS A 49 8.09 4.60 -5.02
N LYS A 50 7.31 4.52 -6.12
CA LYS A 50 7.71 3.77 -7.32
C LYS A 50 8.96 4.34 -7.97
N VAL A 51 9.04 5.67 -8.02
CA VAL A 51 10.23 6.33 -8.58
C VAL A 51 11.44 5.93 -7.74
N MET A 52 11.28 5.95 -6.41
CA MET A 52 12.37 5.55 -5.50
C MET A 52 12.69 4.06 -5.63
N TRP A 53 11.69 3.24 -5.91
CA TRP A 53 11.92 1.80 -6.11
C TRP A 53 12.71 1.61 -7.42
N ASN A 54 12.35 2.35 -8.47
CA ASN A 54 13.08 2.26 -9.74
C ASN A 54 14.53 2.65 -9.54
N THR A 55 14.77 3.58 -8.63
CA THR A 55 16.12 4.01 -8.32
C THR A 55 16.88 2.90 -7.59
N ALA A 56 16.23 2.25 -6.63
CA ALA A 56 16.86 1.16 -5.87
C ALA A 56 17.19 -0.01 -6.78
N VAL A 57 16.31 -0.28 -7.74
CA VAL A 57 16.51 -1.38 -8.72
C VAL A 57 17.78 -1.19 -9.54
N HIS A 58 18.06 0.04 -9.95
CA HIS A 58 19.29 0.33 -10.69
C HIS A 58 20.48 -0.03 -9.80
N SER A 59 20.41 0.38 -8.52
CA SER A 59 21.45 0.10 -7.56
C SER A 59 21.78 -1.39 -7.41
N GLU A 60 20.75 -2.24 -7.39
CA GLU A 60 20.93 -3.69 -7.28
C GLU A 60 21.50 -4.35 -8.50
N PHE A 61 21.00 -3.97 -9.66
CA PHE A 61 21.50 -4.54 -10.89
C PHE A 61 22.92 -4.11 -11.16
N MET A 62 23.31 -2.97 -10.61
CA MET A 62 24.67 -2.52 -10.80
C MET A 62 25.68 -3.51 -10.21
N HIS A 63 25.26 -4.29 -9.23
CA HIS A 63 26.14 -5.31 -8.65
C HIS A 63 26.47 -6.36 -9.68
N ASP A 64 25.64 -6.48 -10.71
CA ASP A 64 25.85 -7.50 -11.73
C ASP A 64 26.56 -7.07 -13.00
N HIS A 65 26.95 -5.81 -13.13
CA HIS A 65 27.61 -5.36 -14.35
C HIS A 65 28.84 -6.12 -14.78
N ALA A 66 29.75 -6.30 -13.85
CA ALA A 66 30.98 -7.02 -14.15
C ALA A 66 30.75 -8.47 -14.57
N ASP A 67 29.74 -9.11 -14.00
CA ASP A 67 29.43 -10.48 -14.40
C ASP A 67 28.97 -10.53 -15.85
N TYR A 68 28.33 -9.45 -16.29
CA TYR A 68 27.82 -9.38 -17.65
C TYR A 68 28.82 -8.80 -18.64
N GLY A 69 30.04 -8.54 -18.18
CA GLY A 69 31.06 -8.02 -19.07
C GLY A 69 31.22 -6.52 -19.10
N PHE A 70 30.56 -5.84 -18.20
CA PHE A 70 30.65 -4.40 -18.17
C PHE A 70 31.65 -3.94 -17.12
N PRO A 71 32.22 -2.76 -17.31
CA PRO A 71 33.09 -2.18 -16.30
C PRO A 71 32.32 -1.73 -15.07
N SER A 72 32.99 -1.77 -13.93
CA SER A 72 32.39 -1.33 -12.69
C SER A 72 32.31 0.20 -12.62
N CYS A 73 31.17 0.67 -12.14
CA CYS A 73 30.91 2.09 -11.95
C CYS A 73 31.47 2.37 -10.55
N GLU A 74 32.37 3.35 -10.47
CA GLU A 74 33.05 3.75 -9.22
C GLU A 74 32.30 3.81 -7.87
N GLY A 75 31.43 4.80 -7.66
CA GLY A 75 30.77 4.86 -6.36
C GLY A 75 29.49 5.61 -6.02
N LYS A 76 29.67 6.73 -5.33
CA LYS A 76 28.60 7.59 -4.79
C LYS A 76 27.29 7.97 -5.52
N PHE A 77 26.19 7.52 -4.91
CA PHE A 77 24.84 7.80 -5.37
C PHE A 77 24.45 9.17 -4.84
N ASN A 78 23.79 9.97 -5.66
CA ASN A 78 23.39 11.28 -5.21
C ASN A 78 21.88 11.35 -5.03
N TRP A 79 21.45 11.32 -3.78
CA TRP A 79 20.04 11.36 -3.43
C TRP A 79 19.29 12.60 -3.93
N ARG A 80 19.88 13.77 -3.83
CA ARG A 80 19.14 14.95 -4.22
C ARG A 80 18.84 15.14 -5.68
N VAL A 81 19.61 14.50 -6.54
CA VAL A 81 19.36 14.60 -7.97
C VAL A 81 18.01 13.94 -8.27
N ILE A 82 17.80 12.73 -7.73
CA ILE A 82 16.56 12.02 -7.97
C ILE A 82 15.45 12.57 -7.11
N LYS A 83 15.78 13.06 -5.93
CA LYS A 83 14.71 13.58 -5.11
C LYS A 83 14.03 14.75 -5.81
N GLU A 84 14.82 15.60 -6.45
CA GLU A 84 14.28 16.77 -7.12
C GLU A 84 13.50 16.47 -8.38
N LYS A 85 13.94 15.49 -9.15
CA LYS A 85 13.23 15.11 -10.36
C LYS A 85 11.92 14.42 -9.95
N ARG A 86 11.95 13.76 -8.81
CA ARG A 86 10.77 13.06 -8.28
C ARG A 86 9.72 14.09 -7.89
N ASP A 87 10.13 15.12 -7.14
CA ASP A 87 9.23 16.19 -6.69
C ASP A 87 8.61 16.88 -7.90
N ALA A 88 9.43 17.14 -8.91
CA ALA A 88 8.96 17.79 -10.14
C ALA A 88 7.87 16.95 -10.80
N TYR A 89 8.05 15.63 -10.81
CA TYR A 89 7.08 14.73 -11.43
C TYR A 89 5.76 14.75 -10.70
N VAL A 90 5.83 14.84 -9.38
CA VAL A 90 4.63 14.91 -8.57
C VAL A 90 3.91 16.26 -8.86
N SER A 91 4.67 17.34 -9.05
CA SER A 91 4.09 18.64 -9.37
C SER A 91 3.35 18.55 -10.71
N ARG A 92 3.95 17.86 -11.68
CA ARG A 92 3.34 17.66 -12.99
C ARG A 92 2.03 16.91 -12.86
N LEU A 93 2.00 15.88 -12.02
CA LEU A 93 0.77 15.14 -11.83
C LEU A 93 -0.29 15.99 -11.15
N ASN A 94 0.08 16.78 -10.13
CA ASN A 94 -0.93 17.61 -9.48
C ASN A 94 -1.62 18.53 -10.51
N ALA A 95 -0.84 19.09 -11.45
CA ALA A 95 -1.38 19.99 -12.47
C ALA A 95 -2.29 19.27 -13.44
N ILE A 96 -1.97 18.03 -13.73
CA ILE A 96 -2.76 17.19 -14.62
C ILE A 96 -4.11 16.86 -14.00
N TYR A 97 -4.11 16.51 -12.72
CA TYR A 97 -5.35 16.17 -12.01
C TYR A 97 -6.27 17.36 -11.89
N GLN A 98 -5.69 18.53 -11.67
CA GLN A 98 -6.49 19.74 -11.56
C GLN A 98 -7.14 19.96 -12.92
N ASN A 99 -6.37 19.85 -13.99
CA ASN A 99 -6.88 20.05 -15.33
C ASN A 99 -8.00 19.05 -15.66
N ASN A 100 -7.86 17.83 -15.17
CA ASN A 100 -8.88 16.81 -15.40
C ASN A 100 -10.21 17.15 -14.78
N LEU A 101 -10.16 17.75 -13.59
CA LEU A 101 -11.39 18.15 -12.91
C LEU A 101 -12.02 19.30 -13.66
N THR A 102 -11.23 20.32 -14.00
CA THR A 102 -11.76 21.49 -14.71
C THR A 102 -12.41 21.08 -16.04
N LYS A 103 -11.74 20.23 -16.81
CA LYS A 103 -12.30 19.79 -18.09
C LYS A 103 -13.60 19.02 -17.96
N SER A 104 -13.87 18.48 -16.78
CA SER A 104 -15.10 17.73 -16.56
C SER A 104 -16.15 18.60 -15.90
N HIS A 105 -15.79 19.85 -15.65
CA HIS A 105 -16.68 20.83 -15.03
C HIS A 105 -16.97 20.53 -13.58
N ILE A 106 -16.03 19.88 -12.92
CA ILE A 106 -16.20 19.57 -11.51
C ILE A 106 -15.62 20.75 -10.79
N GLU A 107 -16.38 21.27 -9.83
CA GLU A 107 -15.94 22.40 -9.04
C GLU A 107 -15.03 21.91 -7.93
N ILE A 108 -13.92 22.62 -7.69
CA ILE A 108 -12.97 22.27 -6.63
C ILE A 108 -13.13 23.30 -5.51
N ILE A 109 -13.57 22.87 -4.33
CA ILE A 109 -13.73 23.76 -3.19
C ILE A 109 -12.52 23.48 -2.31
N ARG A 110 -11.65 24.46 -2.15
CA ARG A 110 -10.46 24.28 -1.34
C ARG A 110 -10.68 24.56 0.14
N GLY A 111 -10.19 23.66 0.99
CA GLY A 111 -10.35 23.85 2.42
C GLY A 111 -10.75 22.57 3.11
N HIS A 112 -10.89 22.65 4.43
CA HIS A 112 -11.24 21.49 5.26
C HIS A 112 -12.73 21.42 5.51
N ALA A 113 -13.35 20.31 5.10
CA ALA A 113 -14.78 20.14 5.30
C ALA A 113 -15.10 19.49 6.65
N ALA A 114 -16.25 19.86 7.22
CA ALA A 114 -16.73 19.29 8.47
C ALA A 114 -18.26 19.36 8.38
N PHE A 115 -18.94 18.31 8.81
CA PHE A 115 -20.38 18.29 8.79
C PHE A 115 -20.94 19.27 9.79
N THR A 116 -22.17 19.73 9.56
CA THR A 116 -22.80 20.66 10.48
C THR A 116 -23.90 19.93 11.21
N SER A 117 -24.55 20.66 12.11
CA SER A 117 -25.66 20.16 12.90
C SER A 117 -26.98 20.30 12.15
N ASP A 118 -26.92 20.76 10.90
CA ASP A 118 -28.11 20.93 10.09
C ASP A 118 -28.78 19.58 9.90
N PRO A 119 -30.11 19.55 9.92
CA PRO A 119 -30.89 18.33 9.73
C PRO A 119 -30.46 17.54 8.50
N LYS A 120 -30.66 18.10 7.31
CA LYS A 120 -30.24 17.41 6.10
C LYS A 120 -28.73 17.56 6.00
N PRO A 121 -28.01 16.47 5.68
CA PRO A 121 -26.55 16.47 5.72
C PRO A 121 -26.00 17.68 4.98
N THR A 122 -25.21 18.47 5.68
CA THR A 122 -24.65 19.68 5.14
C THR A 122 -23.25 19.81 5.72
N ILE A 123 -22.32 20.29 4.88
CA ILE A 123 -20.95 20.52 5.30
C ILE A 123 -20.65 22.01 5.22
N GLU A 124 -19.59 22.41 5.91
CA GLU A 124 -19.17 23.79 5.92
C GLU A 124 -17.69 23.80 5.60
N VAL A 125 -17.28 24.69 4.71
CA VAL A 125 -15.88 24.78 4.34
C VAL A 125 -15.59 26.27 4.33
N SER A 126 -14.70 26.69 5.24
CA SER A 126 -14.32 28.11 5.34
C SER A 126 -15.54 29.02 5.48
N GLY A 127 -16.43 28.70 6.41
CA GLY A 127 -17.61 29.49 6.66
C GLY A 127 -18.79 29.27 5.73
N LYS A 128 -18.56 28.69 4.56
CA LYS A 128 -19.63 28.47 3.60
C LYS A 128 -20.22 27.08 3.72
N LYS A 129 -21.51 26.97 3.48
CA LYS A 129 -22.19 25.68 3.56
C LYS A 129 -22.50 25.13 2.18
N TYR A 130 -22.42 23.81 2.06
CA TYR A 130 -22.67 23.12 0.81
C TYR A 130 -23.46 21.88 1.13
N THR A 131 -24.33 21.48 0.22
CA THR A 131 -25.14 20.31 0.46
C THR A 131 -25.35 19.57 -0.86
N ALA A 132 -25.83 18.35 -0.77
CA ALA A 132 -26.09 17.52 -1.93
C ALA A 132 -26.88 16.34 -1.41
N PRO A 133 -27.79 15.78 -2.24
CA PRO A 133 -28.50 14.55 -1.88
C PRO A 133 -27.58 13.32 -1.73
N HIS A 134 -26.37 13.41 -2.27
CA HIS A 134 -25.39 12.34 -2.19
C HIS A 134 -24.07 12.95 -1.81
N ILE A 135 -23.55 12.57 -0.66
CA ILE A 135 -22.28 13.08 -0.17
C ILE A 135 -21.33 11.91 0.06
N LEU A 136 -20.15 11.96 -0.56
CA LEU A 136 -19.16 10.90 -0.42
C LEU A 136 -18.01 11.35 0.48
N ILE A 137 -17.67 10.54 1.48
CA ILE A 137 -16.56 10.84 2.36
C ILE A 137 -15.42 10.00 1.85
N ALA A 138 -14.35 10.63 1.38
CA ALA A 138 -13.19 9.89 0.88
C ALA A 138 -11.96 10.62 1.40
N THR A 139 -11.93 10.80 2.71
CA THR A 139 -10.87 11.52 3.38
C THR A 139 -9.57 10.75 3.65
N GLY A 140 -9.59 9.45 3.35
CA GLY A 140 -8.40 8.61 3.50
C GLY A 140 -7.87 8.47 4.91
N GLY A 141 -6.56 8.32 5.02
CA GLY A 141 -5.98 8.17 6.34
C GLY A 141 -4.65 8.87 6.50
N MET A 142 -3.88 8.47 7.50
CA MET A 142 -2.58 9.07 7.77
C MET A 142 -1.73 8.13 8.60
N PRO A 143 -0.41 8.37 8.63
CA PRO A 143 0.48 7.48 9.37
C PRO A 143 0.19 7.55 10.86
N SER A 144 0.33 6.40 11.49
CA SER A 144 0.14 6.25 12.92
C SER A 144 1.50 6.40 13.61
N THR A 145 1.55 7.09 14.76
CA THR A 145 2.81 7.22 15.53
C THR A 145 2.52 6.87 16.99
N PRO A 146 3.52 6.31 17.69
CA PRO A 146 3.37 5.97 19.11
C PRO A 146 3.20 7.20 19.95
N HIS A 147 2.49 7.04 21.06
CA HIS A 147 2.29 8.14 21.99
C HIS A 147 3.51 8.26 22.89
N GLU A 148 3.95 9.49 23.10
CA GLU A 148 5.09 9.81 23.93
C GLU A 148 4.91 9.18 25.32
N SER A 149 3.66 9.01 25.75
CA SER A 149 3.39 8.39 27.04
C SER A 149 3.80 6.93 27.02
N GLN A 150 3.57 6.23 25.92
CA GLN A 150 3.94 4.82 25.85
C GLN A 150 5.41 4.63 25.45
N ILE A 151 5.90 5.48 24.56
CA ILE A 151 7.29 5.41 24.14
C ILE A 151 7.89 6.80 24.19
N PRO A 152 8.63 7.09 25.25
CA PRO A 152 9.25 8.41 25.40
C PRO A 152 10.17 8.66 24.21
N GLY A 153 10.03 9.83 23.60
CA GLY A 153 10.86 10.18 22.46
C GLY A 153 10.35 9.67 21.12
N ALA A 154 9.15 9.11 21.07
CA ALA A 154 8.61 8.61 19.80
C ALA A 154 8.56 9.70 18.73
N SER A 155 8.28 10.93 19.15
CA SER A 155 8.19 12.05 18.22
C SER A 155 9.48 12.43 17.51
N LEU A 156 10.58 11.76 17.86
CA LEU A 156 11.87 11.99 17.22
C LEU A 156 11.97 11.16 15.91
N GLY A 157 11.07 10.19 15.75
CA GLY A 157 11.09 9.39 14.54
C GLY A 157 10.14 10.00 13.52
N ILE A 158 10.30 9.62 12.26
CA ILE A 158 9.46 10.13 11.18
C ILE A 158 8.54 9.02 10.66
N THR A 159 7.58 9.37 9.80
CA THR A 159 6.69 8.37 9.21
C THR A 159 7.02 8.37 7.72
N SER A 160 6.23 7.62 6.94
CA SER A 160 6.47 7.54 5.50
C SER A 160 6.33 8.93 4.84
N ASP A 161 5.53 9.81 5.45
CA ASP A 161 5.35 11.18 4.95
C ASP A 161 6.73 11.85 5.03
N GLY A 162 7.37 11.70 6.19
CA GLY A 162 8.67 12.29 6.39
C GLY A 162 9.69 11.70 5.45
N PHE A 163 9.55 10.42 5.10
CA PHE A 163 10.48 9.76 4.18
C PHE A 163 10.57 10.54 2.88
N PHE A 164 9.44 11.07 2.41
CA PHE A 164 9.41 11.81 1.16
C PHE A 164 9.90 13.22 1.24
N GLN A 165 10.28 13.64 2.44
CA GLN A 165 10.82 14.96 2.64
C GLN A 165 12.34 14.91 2.84
N LEU A 166 12.88 13.71 3.02
CA LEU A 166 14.31 13.57 3.21
C LEU A 166 15.06 14.16 2.02
N GLU A 167 16.06 15.00 2.30
CA GLU A 167 16.84 15.60 1.23
C GLU A 167 18.21 14.97 1.07
N GLU A 168 18.56 14.08 2.01
CA GLU A 168 19.84 13.38 1.99
C GLU A 168 19.56 11.94 2.42
N LEU A 169 20.37 11.01 1.94
CA LEU A 169 20.25 9.60 2.31
C LEU A 169 20.78 9.44 3.76
N PRO A 170 19.95 8.90 4.68
CA PRO A 170 20.38 8.73 6.09
C PRO A 170 21.50 7.69 6.10
N GLY A 171 22.47 7.88 6.98
CA GLY A 171 23.57 6.91 7.06
C GLY A 171 23.20 5.62 7.76
N ARG A 172 22.40 5.77 8.81
CA ARG A 172 21.95 4.65 9.62
C ARG A 172 20.45 4.79 9.81
N SER A 173 19.70 3.78 9.44
CA SER A 173 18.28 3.88 9.63
C SER A 173 17.64 2.66 10.26
N VAL A 174 16.62 2.91 11.07
CA VAL A 174 15.88 1.87 11.74
C VAL A 174 14.42 2.06 11.38
N ILE A 175 13.86 1.05 10.74
CA ILE A 175 12.47 1.07 10.34
C ILE A 175 11.74 0.16 11.32
N VAL A 176 10.65 0.66 11.89
CA VAL A 176 9.90 -0.13 12.82
C VAL A 176 8.56 -0.49 12.21
N GLY A 177 8.32 -1.78 12.04
CA GLY A 177 7.06 -2.23 11.49
C GLY A 177 7.31 -3.43 10.63
N ALA A 178 6.26 -4.19 10.35
CA ALA A 178 6.42 -5.40 9.56
C ALA A 178 5.48 -5.54 8.37
N GLY A 179 4.72 -4.48 8.05
CA GLY A 179 3.79 -4.51 6.91
C GLY A 179 4.51 -4.12 5.62
N TYR A 180 3.79 -4.06 4.50
CA TYR A 180 4.43 -3.74 3.24
C TYR A 180 5.14 -2.39 3.14
N ILE A 181 4.63 -1.37 3.81
CA ILE A 181 5.27 -0.06 3.76
C ILE A 181 6.65 -0.12 4.40
N ALA A 182 6.73 -0.84 5.53
CA ALA A 182 7.98 -1.02 6.25
C ALA A 182 8.97 -1.77 5.39
N VAL A 183 8.53 -2.86 4.79
CA VAL A 183 9.39 -3.66 3.92
C VAL A 183 9.90 -2.83 2.72
N GLU A 184 9.02 -2.04 2.11
CA GLU A 184 9.42 -1.23 0.97
C GLU A 184 10.43 -0.18 1.32
N MET A 185 10.19 0.55 2.39
CA MET A 185 11.11 1.58 2.84
C MET A 185 12.46 0.97 3.17
N ALA A 186 12.48 -0.14 3.93
CA ALA A 186 13.75 -0.79 4.28
C ALA A 186 14.52 -1.22 3.04
N GLY A 187 13.82 -1.78 2.06
CA GLY A 187 14.46 -2.22 0.83
C GLY A 187 15.06 -1.10 -0.01
N ILE A 188 14.38 0.06 -0.08
CA ILE A 188 14.91 1.20 -0.85
C ILE A 188 16.09 1.83 -0.14
N LEU A 189 15.97 2.06 1.18
CA LEU A 189 17.06 2.66 1.96
C LEU A 189 18.30 1.80 1.94
N SER A 190 18.12 0.49 2.09
CA SER A 190 19.25 -0.43 2.06
C SER A 190 19.94 -0.50 0.68
N ALA A 191 19.16 -0.60 -0.40
CA ALA A 191 19.69 -0.66 -1.78
C ALA A 191 20.48 0.59 -2.09
N LEU A 192 19.99 1.73 -1.61
CA LEU A 192 20.67 2.98 -1.88
C LEU A 192 21.88 3.26 -1.02
N GLY A 193 22.17 2.38 -0.05
CA GLY A 193 23.35 2.56 0.78
C GLY A 193 23.22 2.85 2.27
N SER A 194 22.00 2.95 2.80
CA SER A 194 21.85 3.22 4.23
C SER A 194 22.03 1.92 5.00
N LYS A 195 22.73 2.00 6.14
CA LYS A 195 22.94 0.83 7.00
C LYS A 195 21.58 0.69 7.66
N THR A 196 20.82 -0.29 7.21
CA THR A 196 19.44 -0.47 7.64
C THR A 196 19.05 -1.64 8.52
N SER A 197 18.24 -1.38 9.53
CA SER A 197 17.71 -2.40 10.44
C SER A 197 16.19 -2.29 10.32
N LEU A 198 15.49 -3.41 10.33
CA LEU A 198 14.04 -3.46 10.27
C LEU A 198 13.62 -4.16 11.58
N MET A 199 12.94 -3.42 12.46
CA MET A 199 12.50 -3.95 13.75
C MET A 199 11.07 -4.48 13.71
N ILE A 200 10.90 -5.77 13.97
CA ILE A 200 9.59 -6.40 13.94
C ILE A 200 9.27 -7.10 15.27
N ARG A 201 7.99 -7.16 15.60
CA ARG A 201 7.56 -7.78 16.85
C ARG A 201 7.64 -9.29 16.86
N HIS A 202 7.62 -9.90 15.68
CA HIS A 202 7.71 -11.33 15.62
C HIS A 202 8.95 -11.78 14.92
N ASP A 203 8.86 -12.89 14.19
CA ASP A 203 10.00 -13.44 13.51
C ASP A 203 10.00 -13.28 11.98
N LYS A 204 8.87 -12.84 11.43
CA LYS A 204 8.71 -12.65 9.98
C LYS A 204 7.94 -11.39 9.64
N VAL A 205 8.18 -10.89 8.44
CA VAL A 205 7.48 -9.71 7.93
C VAL A 205 6.26 -10.18 7.15
N LEU A 206 5.33 -9.26 6.89
CA LEU A 206 4.15 -9.56 6.10
C LEU A 206 3.47 -10.83 6.59
N ARG A 207 3.16 -10.86 7.88
CA ARG A 207 2.54 -12.04 8.45
C ARG A 207 1.13 -12.37 7.97
N SER A 208 0.45 -11.43 7.32
CA SER A 208 -0.90 -11.67 6.78
C SER A 208 -0.87 -12.29 5.37
N PHE A 209 0.31 -12.37 4.77
CA PHE A 209 0.49 -12.95 3.43
C PHE A 209 0.69 -14.44 3.58
N ASP A 210 0.60 -15.16 2.49
CA ASP A 210 0.80 -16.59 2.54
C ASP A 210 2.13 -16.82 3.23
N SER A 211 2.24 -17.88 4.01
CA SER A 211 3.48 -18.16 4.73
C SER A 211 4.70 -18.36 3.84
N MET A 212 4.50 -18.82 2.62
CA MET A 212 5.65 -18.99 1.72
C MET A 212 6.26 -17.62 1.46
N ILE A 213 5.40 -16.62 1.32
CA ILE A 213 5.83 -15.26 1.07
C ILE A 213 6.46 -14.57 2.30
N SER A 214 5.85 -14.68 3.48
CA SER A 214 6.44 -14.04 4.64
C SER A 214 7.80 -14.63 4.91
N THR A 215 7.92 -15.94 4.73
CA THR A 215 9.19 -16.61 4.98
C THR A 215 10.24 -16.20 3.97
N ASN A 216 9.90 -16.29 2.68
CA ASN A 216 10.83 -15.92 1.62
C ASN A 216 11.20 -14.44 1.64
N CYS A 217 10.24 -13.60 1.97
CA CYS A 217 10.51 -12.18 1.99
C CYS A 217 11.47 -11.83 3.13
N THR A 218 11.33 -12.47 4.29
CA THR A 218 12.22 -12.18 5.41
C THR A 218 13.63 -12.61 5.06
N GLU A 219 13.77 -13.76 4.41
CA GLU A 219 15.09 -14.21 4.01
C GLU A 219 15.75 -13.32 2.95
N GLU A 220 14.97 -12.87 1.96
CA GLU A 220 15.52 -11.99 0.91
C GLU A 220 15.99 -10.68 1.48
N LEU A 221 15.30 -10.20 2.49
CA LEU A 221 15.71 -8.97 3.14
C LEU A 221 17.08 -9.15 3.77
N GLU A 222 17.25 -10.26 4.50
CA GLU A 222 18.52 -10.54 5.18
C GLU A 222 19.63 -10.78 4.20
N ASN A 223 19.33 -11.49 3.12
CA ASN A 223 20.30 -11.78 2.06
C ASN A 223 20.77 -10.53 1.39
N ALA A 224 19.90 -9.52 1.31
CA ALA A 224 20.22 -8.24 0.70
C ALA A 224 20.89 -7.24 1.65
N GLY A 225 21.15 -7.66 2.88
CA GLY A 225 21.84 -6.78 3.83
C GLY A 225 21.00 -6.03 4.84
N VAL A 226 19.71 -6.29 4.89
CA VAL A 226 18.85 -5.61 5.85
C VAL A 226 18.91 -6.42 7.13
N GLU A 227 19.20 -5.74 8.24
CA GLU A 227 19.26 -6.42 9.50
C GLU A 227 17.87 -6.52 10.10
N VAL A 228 17.29 -7.72 10.09
CA VAL A 228 15.97 -7.89 10.65
C VAL A 228 16.07 -8.23 12.14
N LEU A 229 15.60 -7.33 12.99
CA LEU A 229 15.61 -7.49 14.44
C LEU A 229 14.27 -8.11 14.87
N LYS A 230 14.26 -9.41 15.12
CA LYS A 230 13.03 -10.12 15.49
C LYS A 230 12.62 -10.02 16.96
N PHE A 231 11.32 -10.18 17.22
CA PHE A 231 10.76 -10.11 18.56
C PHE A 231 11.26 -8.90 19.32
N SER A 232 11.36 -7.77 18.63
CA SER A 232 11.88 -6.58 19.26
C SER A 232 10.95 -5.40 19.14
N GLN A 233 11.01 -4.51 20.12
CA GLN A 233 10.22 -3.30 20.06
C GLN A 233 10.94 -2.21 20.79
N VAL A 234 10.65 -0.98 20.39
CA VAL A 234 11.25 0.20 20.96
C VAL A 234 10.71 0.47 22.36
N LYS A 235 11.61 0.71 23.31
CA LYS A 235 11.21 0.98 24.67
C LYS A 235 11.24 2.49 24.80
N GLU A 236 12.27 3.10 24.22
CA GLU A 236 12.40 4.56 24.23
C GLU A 236 13.43 5.05 23.23
N VAL A 237 13.32 6.32 22.87
CA VAL A 237 14.23 6.96 21.92
C VAL A 237 14.75 8.25 22.53
N LYS A 238 16.03 8.53 22.36
CA LYS A 238 16.55 9.79 22.87
C LYS A 238 17.55 10.40 21.90
N LYS A 239 17.59 11.72 21.88
CA LYS A 239 18.49 12.48 21.00
C LYS A 239 19.86 12.56 21.65
N THR A 240 20.89 12.02 21.01
CA THR A 240 22.24 12.10 21.58
C THR A 240 22.99 13.19 20.84
N LEU A 241 24.27 13.33 21.15
CA LEU A 241 25.12 14.33 20.53
C LEU A 241 25.22 14.14 19.02
N SER A 242 25.02 12.91 18.59
CA SER A 242 25.13 12.59 17.18
C SER A 242 24.13 11.53 16.74
N GLY A 243 22.88 11.95 16.61
CA GLY A 243 21.86 11.03 16.20
C GLY A 243 20.98 10.60 17.35
N LEU A 244 20.16 9.60 17.08
CA LEU A 244 19.25 9.10 18.08
C LEU A 244 19.82 7.83 18.68
N GLU A 245 19.38 7.51 19.88
CA GLU A 245 19.78 6.28 20.55
C GLU A 245 18.46 5.59 20.84
N VAL A 246 18.31 4.40 20.29
CA VAL A 246 17.08 3.64 20.41
C VAL A 246 17.25 2.51 21.38
N SER A 247 16.41 2.48 22.41
CA SER A 247 16.49 1.40 23.38
C SER A 247 15.42 0.44 22.96
N MET A 248 15.77 -0.83 22.83
CA MET A 248 14.79 -1.81 22.45
C MET A 248 14.90 -3.02 23.33
N VAL A 249 13.78 -3.73 23.46
CA VAL A 249 13.70 -4.96 24.23
C VAL A 249 13.46 -6.05 23.21
N THR A 250 14.24 -7.10 23.29
CA THR A 250 14.09 -8.25 22.43
C THR A 250 13.66 -9.40 23.33
N ALA A 251 12.46 -9.93 23.09
CA ALA A 251 11.95 -11.02 23.89
C ALA A 251 11.62 -12.21 23.01
N VAL A 252 12.65 -13.00 22.73
CA VAL A 252 12.50 -14.20 21.92
C VAL A 252 11.87 -15.22 22.84
N PRO A 253 10.77 -15.84 22.41
CA PRO A 253 10.10 -16.85 23.23
C PRO A 253 11.09 -17.94 23.67
N GLY A 254 11.07 -18.26 24.95
CA GLY A 254 11.97 -19.28 25.48
C GLY A 254 13.33 -18.76 25.91
N ARG A 255 13.48 -17.44 25.95
CA ARG A 255 14.72 -16.83 26.38
C ARG A 255 14.33 -15.70 27.30
N LEU A 256 15.30 -15.15 28.01
CA LEU A 256 15.01 -14.03 28.87
C LEU A 256 15.05 -12.81 27.95
N PRO A 257 14.20 -11.82 28.23
CA PRO A 257 14.31 -10.56 27.50
C PRO A 257 15.63 -9.84 27.72
N VAL A 258 16.09 -9.18 26.67
CA VAL A 258 17.32 -8.44 26.72
C VAL A 258 17.10 -7.02 26.17
N MET A 259 17.67 -6.05 26.87
CA MET A 259 17.56 -4.66 26.49
C MET A 259 18.82 -4.28 25.74
N THR A 260 18.65 -3.58 24.62
CA THR A 260 19.74 -3.15 23.77
C THR A 260 19.60 -1.69 23.36
N MET A 261 20.73 -1.04 23.13
CA MET A 261 20.74 0.36 22.75
C MET A 261 21.28 0.42 21.35
N ILE A 262 20.54 1.01 20.43
CA ILE A 262 21.03 1.17 19.06
C ILE A 262 21.45 2.63 18.96
N PRO A 263 22.76 2.88 18.86
CA PRO A 263 23.27 4.24 18.85
C PRO A 263 23.53 4.79 17.45
N ASP A 264 23.73 6.10 17.40
CA ASP A 264 24.06 6.81 16.17
C ASP A 264 23.10 6.55 15.03
N VAL A 265 21.81 6.58 15.34
CA VAL A 265 20.80 6.38 14.34
C VAL A 265 20.44 7.75 13.76
N ASP A 266 20.48 7.83 12.44
CA ASP A 266 20.18 9.07 11.76
C ASP A 266 18.69 9.20 11.53
N CYS A 267 18.06 8.08 11.22
CA CYS A 267 16.66 8.07 10.89
C CYS A 267 15.88 6.91 11.54
N LEU A 268 14.86 7.26 12.31
CA LEU A 268 13.97 6.28 12.93
C LEU A 268 12.66 6.48 12.19
N LEU A 269 12.20 5.45 11.51
CA LEU A 269 10.96 5.55 10.72
C LEU A 269 9.89 4.58 11.22
N TRP A 270 8.79 5.16 11.71
CA TRP A 270 7.66 4.38 12.23
C TRP A 270 6.79 3.97 11.06
N ALA A 271 6.62 2.68 10.88
CA ALA A 271 5.79 2.17 9.80
C ALA A 271 4.93 1.11 10.45
N ILE A 272 4.24 1.54 11.49
CA ILE A 272 3.40 0.66 12.31
C ILE A 272 1.91 0.61 12.02
N GLY A 273 1.40 1.49 11.16
CA GLY A 273 -0.02 1.47 10.86
C GLY A 273 -0.50 2.77 10.26
N ARG A 274 -1.76 2.79 9.88
CA ARG A 274 -2.41 3.97 9.29
C ARG A 274 -3.68 4.22 10.09
N VAL A 275 -4.01 5.48 10.31
CA VAL A 275 -5.20 5.81 11.08
C VAL A 275 -6.16 6.65 10.19
N PRO A 276 -7.48 6.40 10.29
CA PRO A 276 -8.38 7.06 9.34
C PRO A 276 -8.53 8.54 9.67
N ASN A 277 -8.77 9.34 8.66
CA ASN A 277 -8.91 10.78 8.80
C ASN A 277 -10.39 11.09 9.00
N THR A 278 -10.87 11.00 10.24
CA THR A 278 -12.28 11.25 10.53
C THR A 278 -12.52 12.08 11.78
N LYS A 279 -11.47 12.29 12.56
CA LYS A 279 -11.60 13.03 13.81
C LYS A 279 -12.15 14.45 13.65
N ASP A 280 -11.75 15.12 12.57
CA ASP A 280 -12.19 16.50 12.37
C ASP A 280 -13.39 16.75 11.44
N LEU A 281 -14.11 15.69 11.11
CA LEU A 281 -15.28 15.78 10.25
C LEU A 281 -16.57 16.09 10.99
N SER A 282 -16.54 15.94 12.31
CA SER A 282 -17.73 16.18 13.12
C SER A 282 -18.80 15.17 12.76
N LEU A 283 -18.38 13.93 12.53
CA LEU A 283 -19.29 12.84 12.19
C LEU A 283 -20.37 12.67 13.24
N ASN A 284 -19.97 12.88 14.49
CA ASN A 284 -20.87 12.75 15.63
C ASN A 284 -22.11 13.59 15.49
N LYS A 285 -22.00 14.71 14.78
CA LYS A 285 -23.14 15.60 14.58
C LYS A 285 -24.27 14.95 13.78
N LEU A 286 -23.96 13.94 12.98
CA LEU A 286 -24.99 13.25 12.20
C LEU A 286 -25.19 11.82 12.69
N GLY A 287 -24.39 11.40 13.67
CA GLY A 287 -24.50 10.05 14.20
C GLY A 287 -23.98 9.00 13.24
N ILE A 288 -22.97 9.36 12.46
CA ILE A 288 -22.36 8.42 11.50
C ILE A 288 -21.48 7.43 12.28
N GLN A 289 -21.78 6.15 12.10
CA GLN A 289 -21.07 5.05 12.76
C GLN A 289 -19.62 4.89 12.35
N THR A 290 -18.77 4.70 13.34
CA THR A 290 -17.36 4.46 13.13
C THR A 290 -17.01 3.31 14.08
N ASP A 291 -15.88 2.65 13.86
CA ASP A 291 -15.46 1.59 14.77
C ASP A 291 -14.58 2.29 15.79
N ASP A 292 -13.96 1.55 16.70
CA ASP A 292 -13.15 2.23 17.71
C ASP A 292 -11.86 2.89 17.20
N LYS A 293 -11.42 2.53 16.00
CA LYS A 293 -10.21 3.14 15.41
C LYS A 293 -10.57 4.40 14.61
N GLY A 294 -11.85 4.70 14.50
CA GLY A 294 -12.28 5.87 13.75
C GLY A 294 -12.66 5.61 12.30
N HIS A 295 -12.67 4.35 11.87
CA HIS A 295 -13.05 4.03 10.49
C HIS A 295 -14.54 4.19 10.33
N ILE A 296 -14.97 4.62 9.16
CA ILE A 296 -16.38 4.78 8.91
C ILE A 296 -16.88 3.43 8.49
N ILE A 297 -18.00 3.03 9.10
CA ILE A 297 -18.61 1.73 8.80
C ILE A 297 -19.52 1.89 7.56
N VAL A 298 -19.42 0.95 6.61
CA VAL A 298 -20.26 1.00 5.42
C VAL A 298 -20.72 -0.40 5.11
N ASP A 299 -21.76 -0.52 4.30
CA ASP A 299 -22.25 -1.81 3.87
C ASP A 299 -21.53 -2.16 2.54
N GLU A 300 -22.00 -3.18 1.85
CA GLU A 300 -21.37 -3.61 0.61
C GLU A 300 -21.51 -2.61 -0.54
N PHE A 301 -22.42 -1.66 -0.38
CA PHE A 301 -22.64 -0.67 -1.41
C PHE A 301 -22.00 0.66 -1.06
N GLN A 302 -21.21 0.65 0.00
CA GLN A 302 -20.49 1.83 0.50
C GLN A 302 -21.38 2.83 1.22
N ASN A 303 -22.58 2.40 1.55
CA ASN A 303 -23.53 3.23 2.30
C ASN A 303 -23.10 3.29 3.78
N THR A 304 -23.25 4.45 4.43
CA THR A 304 -22.97 4.57 5.87
C THR A 304 -24.31 4.26 6.52
N ASN A 305 -24.45 4.49 7.83
CA ASN A 305 -25.74 4.22 8.48
C ASN A 305 -26.74 5.35 8.21
N VAL A 306 -26.25 6.44 7.62
CA VAL A 306 -27.05 7.62 7.32
C VAL A 306 -27.32 7.70 5.80
N LYS A 307 -28.59 7.81 5.40
CA LYS A 307 -28.98 7.94 3.99
C LYS A 307 -28.40 9.16 3.29
N GLY A 308 -27.87 8.95 2.08
CA GLY A 308 -27.28 10.03 1.32
C GLY A 308 -25.83 10.28 1.65
N ILE A 309 -25.26 9.47 2.54
CA ILE A 309 -23.84 9.59 2.94
C ILE A 309 -23.14 8.25 2.70
N TYR A 310 -22.03 8.31 1.97
CA TYR A 310 -21.27 7.11 1.60
C TYR A 310 -19.83 7.34 1.97
N ALA A 311 -19.04 6.28 1.92
CA ALA A 311 -17.62 6.35 2.26
C ALA A 311 -16.91 5.29 1.44
N VAL A 312 -15.76 5.65 0.87
CA VAL A 312 -14.93 4.70 0.10
C VAL A 312 -13.49 4.97 0.43
N GLY A 313 -12.65 4.00 0.13
CA GLY A 313 -11.22 4.19 0.33
C GLY A 313 -10.67 3.85 1.69
N ASP A 314 -9.48 4.37 1.96
CA ASP A 314 -8.78 4.11 3.21
C ASP A 314 -9.57 4.42 4.49
N VAL A 315 -10.44 5.40 4.42
CA VAL A 315 -11.21 5.81 5.58
C VAL A 315 -12.09 4.71 6.16
N CYS A 316 -12.39 3.71 5.31
CA CYS A 316 -13.22 2.57 5.70
C CYS A 316 -12.37 1.47 6.25
N GLY A 317 -11.06 1.65 6.14
CA GLY A 317 -10.13 0.70 6.71
C GLY A 317 -10.02 -0.69 6.12
N LYS A 318 -10.56 -0.94 4.93
CA LYS A 318 -10.40 -2.26 4.35
C LYS A 318 -9.83 -2.18 2.93
N ALA A 319 -8.85 -3.03 2.67
CA ALA A 319 -8.15 -3.11 1.39
C ALA A 319 -7.63 -1.72 1.01
N LEU A 320 -6.66 -1.25 1.80
CA LEU A 320 -6.05 0.07 1.65
C LEU A 320 -5.13 0.19 0.45
N LEU A 321 -5.74 0.22 -0.73
CA LEU A 321 -5.03 0.33 -2.00
C LEU A 321 -5.73 1.38 -2.87
N THR A 322 -4.95 2.04 -3.74
CA THR A 322 -5.48 3.06 -4.63
C THR A 322 -6.49 2.51 -5.63
N PRO A 323 -6.18 1.39 -6.32
CA PRO A 323 -7.17 0.90 -7.29
C PRO A 323 -8.50 0.47 -6.67
N VAL A 324 -8.49 0.12 -5.37
CA VAL A 324 -9.70 -0.30 -4.65
C VAL A 324 -10.60 0.92 -4.40
N ALA A 325 -9.99 2.02 -3.97
CA ALA A 325 -10.71 3.25 -3.73
C ALA A 325 -11.32 3.73 -5.07
N ILE A 326 -10.52 3.67 -6.13
CA ILE A 326 -10.96 4.05 -7.46
C ILE A 326 -12.12 3.18 -7.97
N ALA A 327 -11.99 1.87 -7.88
CA ALA A 327 -13.05 0.95 -8.36
C ALA A 327 -14.34 1.12 -7.56
N ALA A 328 -14.21 1.23 -6.24
CA ALA A 328 -15.38 1.45 -5.38
C ALA A 328 -16.03 2.79 -5.69
N GLY A 329 -15.20 3.82 -5.93
CA GLY A 329 -15.70 5.16 -6.22
C GLY A 329 -16.49 5.18 -7.51
N ARG A 330 -15.99 4.48 -8.53
CA ARG A 330 -16.68 4.42 -9.83
C ARG A 330 -17.94 3.59 -9.77
N LYS A 331 -17.88 2.45 -9.12
CA LYS A 331 -19.05 1.58 -9.00
C LYS A 331 -20.18 2.33 -8.28
N LEU A 332 -19.81 3.17 -7.33
CA LEU A 332 -20.79 3.96 -6.59
C LEU A 332 -21.41 5.02 -7.52
N ALA A 333 -20.59 5.68 -8.33
CA ALA A 333 -21.13 6.69 -9.27
C ALA A 333 -22.17 6.03 -10.21
N HIS A 334 -21.88 4.84 -10.70
CA HIS A 334 -22.82 4.16 -11.57
C HIS A 334 -24.09 3.80 -10.87
N ARG A 335 -23.99 3.46 -9.58
CA ARG A 335 -25.17 3.09 -8.82
C ARG A 335 -26.08 4.28 -8.56
N LEU A 336 -25.50 5.42 -8.21
CA LEU A 336 -26.27 6.62 -7.92
C LEU A 336 -26.76 7.40 -9.12
N PHE A 337 -25.91 7.52 -10.14
CA PHE A 337 -26.26 8.32 -11.30
C PHE A 337 -26.64 7.55 -12.56
N GLU A 338 -26.42 6.24 -12.57
CA GLU A 338 -26.87 5.47 -13.71
C GLU A 338 -27.95 4.50 -13.25
N TYR A 339 -28.25 4.55 -11.96
CA TYR A 339 -29.30 3.73 -11.37
C TYR A 339 -29.07 2.22 -11.46
N LYS A 340 -27.81 1.80 -11.54
CA LYS A 340 -27.46 0.38 -11.57
C LYS A 340 -27.38 -0.03 -10.10
N GLU A 341 -28.51 -0.46 -9.54
CA GLU A 341 -28.54 -0.82 -8.13
C GLU A 341 -27.67 -1.99 -7.66
N ASP A 342 -27.17 -2.78 -8.61
CA ASP A 342 -26.31 -3.91 -8.29
C ASP A 342 -24.84 -3.52 -8.42
N SER A 343 -24.59 -2.26 -8.75
CA SER A 343 -23.23 -1.77 -8.92
C SER A 343 -22.52 -1.64 -7.58
N LYS A 344 -21.51 -2.47 -7.37
CA LYS A 344 -20.72 -2.45 -6.15
C LYS A 344 -19.43 -3.20 -6.41
N LEU A 345 -18.41 -2.95 -5.60
CA LEU A 345 -17.14 -3.64 -5.79
C LEU A 345 -17.10 -4.98 -5.03
N ASP A 346 -16.53 -5.99 -5.68
CA ASP A 346 -16.34 -7.30 -5.08
C ASP A 346 -14.95 -7.21 -4.44
N TYR A 347 -14.90 -7.27 -3.12
CA TYR A 347 -13.63 -7.18 -2.41
C TYR A 347 -12.81 -8.49 -2.41
N ASN A 348 -13.25 -9.49 -3.15
CA ASN A 348 -12.49 -10.73 -3.23
C ASN A 348 -11.62 -10.68 -4.43
N ASN A 349 -10.52 -11.41 -4.37
CA ASN A 349 -9.59 -11.48 -5.48
C ASN A 349 -9.00 -10.15 -5.93
N ILE A 350 -8.69 -9.29 -4.96
CA ILE A 350 -8.06 -8.00 -5.23
C ILE A 350 -6.56 -8.32 -5.24
N PRO A 351 -5.87 -7.95 -6.32
CA PRO A 351 -4.44 -8.28 -6.44
C PRO A 351 -3.58 -7.20 -5.79
N THR A 352 -2.42 -7.62 -5.27
CA THR A 352 -1.48 -6.70 -4.66
C THR A 352 -0.04 -7.00 -5.02
N VAL A 353 0.74 -5.95 -5.20
CA VAL A 353 2.16 -6.07 -5.46
C VAL A 353 2.89 -5.27 -4.39
N VAL A 354 3.87 -5.91 -3.77
CA VAL A 354 4.71 -5.26 -2.78
C VAL A 354 6.05 -5.06 -3.52
N PHE A 355 6.47 -3.81 -3.61
CA PHE A 355 7.70 -3.43 -4.27
C PHE A 355 8.95 -3.64 -3.42
N SER A 356 9.17 -4.89 -3.10
CA SER A 356 10.35 -5.30 -2.37
C SER A 356 11.36 -5.67 -3.46
N HIS A 357 12.45 -6.31 -3.06
CA HIS A 357 13.49 -6.73 -3.97
C HIS A 357 13.76 -8.22 -3.69
N PRO A 358 13.32 -9.11 -4.59
CA PRO A 358 12.48 -8.90 -5.78
C PRO A 358 11.03 -8.62 -5.37
N PRO A 359 10.20 -8.11 -6.27
CA PRO A 359 8.83 -7.73 -5.94
C PRO A 359 7.93 -8.92 -5.65
N ILE A 360 6.86 -8.67 -4.91
CA ILE A 360 5.91 -9.71 -4.55
C ILE A 360 4.59 -9.43 -5.25
N GLY A 361 3.93 -10.48 -5.72
CA GLY A 361 2.64 -10.34 -6.35
C GLY A 361 1.74 -11.35 -5.68
N THR A 362 0.53 -10.95 -5.29
CA THR A 362 -0.39 -11.88 -4.67
C THR A 362 -1.87 -11.56 -5.00
N VAL A 363 -2.68 -12.60 -5.17
CA VAL A 363 -4.10 -12.43 -5.41
C VAL A 363 -4.82 -13.66 -4.86
N GLY A 364 -5.94 -13.43 -4.19
CA GLY A 364 -6.73 -14.52 -3.67
C GLY A 364 -6.40 -14.98 -2.27
N LEU A 365 -6.76 -16.22 -1.98
CA LEU A 365 -6.56 -16.78 -0.66
C LEU A 365 -5.17 -17.36 -0.41
N THR A 366 -4.71 -17.21 0.84
CA THR A 366 -3.42 -17.81 1.26
C THR A 366 -3.80 -19.28 1.48
N GLU A 367 -2.83 -20.15 1.63
CA GLU A 367 -3.13 -21.56 1.85
C GLU A 367 -3.98 -21.82 3.10
N ASP A 368 -3.71 -21.06 4.16
CA ASP A 368 -4.44 -21.23 5.40
C ASP A 368 -5.86 -20.75 5.31
N GLU A 369 -6.07 -19.66 4.58
CA GLU A 369 -7.43 -19.14 4.43
C GLU A 369 -8.26 -20.12 3.59
N ALA A 370 -7.62 -20.77 2.62
CA ALA A 370 -8.31 -21.72 1.77
C ALA A 370 -8.61 -22.98 2.58
N ILE A 371 -7.66 -23.38 3.42
CA ILE A 371 -7.86 -24.56 4.26
C ILE A 371 -9.05 -24.33 5.20
N HIS A 372 -9.15 -23.14 5.79
CA HIS A 372 -10.27 -22.84 6.67
C HIS A 372 -11.60 -22.73 5.94
N LYS A 373 -11.58 -22.27 4.69
CA LYS A 373 -12.80 -22.11 3.92
C LYS A 373 -13.29 -23.36 3.22
N TYR A 374 -12.38 -24.19 2.75
CA TYR A 374 -12.78 -25.39 2.02
C TYR A 374 -12.53 -26.69 2.78
N GLY A 375 -11.59 -26.67 3.71
CA GLY A 375 -11.26 -27.86 4.48
C GLY A 375 -9.99 -28.48 3.91
N ILE A 376 -9.09 -28.91 4.78
CA ILE A 376 -7.81 -29.53 4.38
C ILE A 376 -7.92 -30.54 3.24
N GLU A 377 -8.94 -31.39 3.29
CA GLU A 377 -9.10 -32.43 2.29
C GLU A 377 -9.37 -31.89 0.89
N ASN A 378 -9.92 -30.67 0.83
CA ASN A 378 -10.30 -30.02 -0.44
C ASN A 378 -9.35 -28.94 -0.96
N VAL A 379 -8.16 -28.84 -0.40
CA VAL A 379 -7.19 -27.83 -0.84
C VAL A 379 -5.91 -28.52 -1.28
N LYS A 380 -5.46 -28.18 -2.49
CA LYS A 380 -4.24 -28.72 -3.06
C LYS A 380 -3.39 -27.53 -3.52
N THR A 381 -2.12 -27.49 -3.12
CA THR A 381 -1.27 -26.39 -3.56
C THR A 381 -0.15 -26.91 -4.46
N TYR A 382 0.30 -26.07 -5.36
CA TYR A 382 1.42 -26.42 -6.24
C TYR A 382 2.39 -25.28 -6.05
N SER A 383 3.66 -25.59 -5.92
CA SER A 383 4.63 -24.53 -5.77
C SER A 383 5.91 -24.91 -6.47
N THR A 384 6.76 -23.92 -6.63
CA THR A 384 8.05 -24.11 -7.26
C THR A 384 8.97 -23.04 -6.72
N SER A 385 10.25 -23.33 -6.73
CA SER A 385 11.22 -22.37 -6.27
C SER A 385 12.39 -22.58 -7.20
N PHE A 386 12.83 -21.52 -7.85
CA PHE A 386 13.96 -21.61 -8.78
C PHE A 386 14.72 -20.31 -8.83
N THR A 387 15.90 -20.35 -9.43
CA THR A 387 16.74 -19.18 -9.58
C THR A 387 16.55 -18.74 -11.03
N PRO A 388 16.02 -17.53 -11.23
CA PRO A 388 15.75 -17.03 -12.57
C PRO A 388 16.98 -17.13 -13.48
N MET A 389 16.74 -17.39 -14.77
CA MET A 389 17.77 -17.50 -15.80
C MET A 389 18.71 -16.29 -15.83
N TYR A 390 18.19 -15.13 -15.42
CA TYR A 390 18.99 -13.91 -15.34
C TYR A 390 20.25 -14.10 -14.45
N HIS A 391 20.12 -14.94 -13.42
CA HIS A 391 21.23 -15.16 -12.50
C HIS A 391 22.10 -16.32 -12.86
N ALA A 392 21.87 -16.94 -14.00
CA ALA A 392 22.64 -18.09 -14.43
C ALA A 392 24.10 -17.72 -14.56
N VAL A 393 24.36 -16.43 -14.78
CA VAL A 393 25.71 -15.98 -14.97
C VAL A 393 26.22 -14.99 -13.91
N THR A 394 25.47 -14.79 -12.83
CA THR A 394 25.87 -13.85 -11.78
C THR A 394 26.23 -14.52 -10.45
N LYS A 395 27.06 -13.83 -9.69
CA LYS A 395 27.50 -14.27 -8.37
C LYS A 395 26.40 -13.98 -7.36
N ARG A 396 25.66 -12.91 -7.61
CA ARG A 396 24.53 -12.50 -6.75
C ARG A 396 23.34 -13.34 -7.21
N LYS A 397 22.49 -13.72 -6.28
CA LYS A 397 21.35 -14.54 -6.62
C LYS A 397 20.14 -14.08 -5.85
N THR A 398 18.98 -14.27 -6.45
CA THR A 398 17.72 -13.98 -5.82
C THR A 398 16.96 -15.22 -6.27
N LYS A 399 15.88 -15.51 -5.57
CA LYS A 399 15.09 -16.67 -5.87
C LYS A 399 13.76 -16.22 -6.41
N CYS A 400 13.05 -17.12 -7.05
CA CYS A 400 11.70 -16.85 -7.50
C CYS A 400 10.87 -17.99 -6.91
N VAL A 401 9.88 -17.64 -6.09
CA VAL A 401 9.00 -18.64 -5.48
C VAL A 401 7.59 -18.40 -5.97
N MET A 402 6.89 -19.45 -6.35
CA MET A 402 5.50 -19.35 -6.79
C MET A 402 4.67 -20.43 -6.12
N LYS A 403 3.44 -20.08 -5.76
CA LYS A 403 2.53 -21.03 -5.13
C LYS A 403 1.15 -20.81 -5.69
N MET A 404 0.50 -21.88 -6.06
CA MET A 404 -0.84 -21.83 -6.60
C MET A 404 -1.72 -22.59 -5.62
N VAL A 405 -2.77 -21.97 -5.13
CA VAL A 405 -3.67 -22.64 -4.19
C VAL A 405 -4.95 -23.03 -4.91
N CYS A 406 -5.22 -24.33 -5.03
CA CYS A 406 -6.42 -24.83 -5.69
C CYS A 406 -7.45 -25.43 -4.72
N ALA A 407 -8.72 -25.30 -5.06
CA ALA A 407 -9.78 -25.81 -4.21
C ALA A 407 -10.72 -26.73 -4.96
N ASN A 408 -11.21 -27.73 -4.25
CA ASN A 408 -12.14 -28.72 -4.79
C ASN A 408 -11.62 -29.58 -5.91
N LYS A 409 -12.46 -30.52 -6.32
CA LYS A 409 -12.15 -31.49 -7.38
C LYS A 409 -11.64 -30.88 -8.70
N GLU A 410 -12.31 -29.83 -9.13
CA GLU A 410 -11.96 -29.15 -10.35
C GLU A 410 -10.67 -28.34 -10.24
N GLU A 411 -10.19 -28.16 -9.01
CA GLU A 411 -8.98 -27.39 -8.75
C GLU A 411 -9.11 -25.96 -9.22
N LYS A 412 -10.10 -25.28 -8.68
CA LYS A 412 -10.34 -23.89 -8.98
C LYS A 412 -9.15 -23.13 -8.40
N VAL A 413 -8.51 -22.27 -9.19
CA VAL A 413 -7.38 -21.50 -8.67
C VAL A 413 -7.94 -20.41 -7.76
N VAL A 414 -7.78 -20.58 -6.45
CA VAL A 414 -8.27 -19.61 -5.47
C VAL A 414 -7.17 -18.69 -4.94
N GLY A 415 -5.91 -18.97 -5.26
CA GLY A 415 -4.84 -18.10 -4.78
C GLY A 415 -3.55 -18.27 -5.52
N ILE A 416 -2.86 -17.15 -5.80
CA ILE A 416 -1.56 -17.17 -6.48
C ILE A 416 -0.66 -16.22 -5.69
N HIS A 417 0.51 -16.72 -5.28
CA HIS A 417 1.45 -15.97 -4.46
C HIS A 417 2.82 -16.19 -5.04
N MET A 418 3.58 -15.12 -5.22
CA MET A 418 4.90 -15.29 -5.81
C MET A 418 5.80 -14.12 -5.46
N GLN A 419 7.10 -14.37 -5.51
CA GLN A 419 8.07 -13.33 -5.30
C GLN A 419 9.19 -13.63 -6.28
N GLY A 420 9.69 -12.61 -6.96
CA GLY A 420 10.74 -12.82 -7.92
C GLY A 420 10.81 -11.69 -8.94
N LEU A 421 11.89 -11.67 -9.70
CA LEU A 421 12.11 -10.67 -10.74
C LEU A 421 10.99 -10.74 -11.76
N GLY A 422 10.39 -9.59 -12.05
CA GLY A 422 9.31 -9.55 -13.02
C GLY A 422 7.92 -9.79 -12.45
N CYS A 423 7.82 -10.20 -11.19
CA CYS A 423 6.51 -10.46 -10.60
C CYS A 423 5.58 -9.28 -10.50
N ASP A 424 6.13 -8.08 -10.52
CA ASP A 424 5.30 -6.86 -10.45
C ASP A 424 4.41 -6.65 -11.70
N GLU A 425 4.94 -6.95 -12.89
CA GLU A 425 4.20 -6.82 -14.16
C GLU A 425 3.51 -8.09 -14.58
N MET A 426 3.88 -9.20 -13.94
CA MET A 426 3.32 -10.52 -14.24
C MET A 426 1.95 -10.84 -13.68
N LEU A 427 1.63 -10.25 -12.54
CA LEU A 427 0.37 -10.51 -11.87
C LEU A 427 -0.96 -10.11 -12.51
N GLN A 428 -1.03 -8.94 -13.12
CA GLN A 428 -2.31 -8.46 -13.65
C GLN A 428 -3.12 -9.44 -14.48
N GLY A 429 -2.49 -10.12 -15.43
CA GLY A 429 -3.21 -11.08 -16.24
C GLY A 429 -3.70 -12.29 -15.49
N PHE A 430 -2.89 -12.85 -14.60
CA PHE A 430 -3.34 -14.02 -13.84
C PHE A 430 -4.47 -13.59 -12.89
N ALA A 431 -4.48 -12.32 -12.50
CA ALA A 431 -5.52 -11.81 -11.62
C ALA A 431 -6.82 -11.80 -12.42
N VAL A 432 -6.74 -11.54 -13.73
CA VAL A 432 -7.94 -11.54 -14.59
C VAL A 432 -8.46 -12.97 -14.67
N ALA A 433 -7.56 -13.93 -14.85
CA ALA A 433 -7.91 -15.35 -14.94
C ALA A 433 -8.55 -15.85 -13.64
N VAL A 434 -7.98 -15.47 -12.51
CA VAL A 434 -8.51 -15.89 -11.21
C VAL A 434 -9.91 -15.30 -10.98
N LYS A 435 -10.09 -14.04 -11.34
CA LYS A 435 -11.38 -13.38 -11.21
C LYS A 435 -12.45 -14.11 -12.07
N MET A 436 -12.04 -14.64 -13.22
CA MET A 436 -12.97 -15.38 -14.09
C MET A 436 -13.32 -16.76 -13.57
N GLY A 437 -12.55 -17.29 -12.64
CA GLY A 437 -12.83 -18.61 -12.11
C GLY A 437 -12.03 -19.70 -12.80
N ALA A 438 -10.81 -19.37 -13.18
CA ALA A 438 -9.95 -20.36 -13.84
C ALA A 438 -9.67 -21.52 -12.92
N THR A 439 -9.45 -22.68 -13.51
CA THR A 439 -9.10 -23.90 -12.80
C THR A 439 -7.65 -24.18 -13.23
N LYS A 440 -7.01 -25.17 -12.61
CA LYS A 440 -5.64 -25.51 -12.93
C LYS A 440 -5.54 -25.96 -14.40
N ALA A 441 -6.57 -26.63 -14.92
CA ALA A 441 -6.58 -27.08 -16.32
C ALA A 441 -6.54 -25.89 -17.32
N ASP A 442 -7.17 -24.78 -16.95
CA ASP A 442 -7.15 -23.62 -17.83
C ASP A 442 -5.72 -23.11 -17.92
N PHE A 443 -5.04 -23.02 -16.78
CA PHE A 443 -3.63 -22.60 -16.79
C PHE A 443 -2.81 -23.59 -17.58
N ASP A 444 -2.97 -24.88 -17.28
CA ASP A 444 -2.21 -25.93 -17.94
C ASP A 444 -2.38 -26.02 -19.47
N ASN A 445 -3.54 -25.58 -19.97
CA ASN A 445 -3.82 -25.62 -21.39
C ASN A 445 -3.44 -24.37 -22.14
N THR A 446 -2.82 -23.42 -21.45
CA THR A 446 -2.33 -22.21 -22.10
C THR A 446 -0.87 -22.47 -22.43
N VAL A 447 -0.51 -22.28 -23.70
CA VAL A 447 0.84 -22.49 -24.17
C VAL A 447 1.77 -21.48 -23.50
N ALA A 448 2.92 -21.98 -23.03
CA ALA A 448 3.90 -21.16 -22.33
C ALA A 448 4.65 -20.21 -23.26
N ILE A 449 5.20 -19.15 -22.67
CA ILE A 449 6.04 -18.20 -23.37
C ILE A 449 7.42 -18.46 -22.81
N HIS A 450 8.32 -18.91 -23.69
CA HIS A 450 9.68 -19.28 -23.32
C HIS A 450 10.73 -18.36 -23.99
N PRO A 451 11.81 -17.99 -23.27
CA PRO A 451 12.10 -18.20 -21.84
C PRO A 451 11.65 -17.02 -20.97
N THR A 452 10.78 -17.27 -20.00
CA THR A 452 10.35 -16.20 -19.09
C THR A 452 10.18 -16.89 -17.75
N SER A 453 9.96 -16.11 -16.70
CA SER A 453 9.71 -16.67 -15.37
C SER A 453 8.21 -17.00 -15.28
N SER A 454 7.39 -16.22 -16.01
CA SER A 454 5.94 -16.37 -16.02
C SER A 454 5.45 -17.73 -16.51
N GLU A 455 6.22 -18.35 -17.40
CA GLU A 455 5.85 -19.66 -17.93
C GLU A 455 5.80 -20.76 -16.85
N GLU A 456 6.46 -20.55 -15.71
CA GLU A 456 6.48 -21.51 -14.62
C GLU A 456 5.09 -21.71 -14.02
N LEU A 457 4.27 -20.67 -14.07
CA LEU A 457 2.92 -20.74 -13.54
C LEU A 457 1.96 -21.57 -14.36
N VAL A 458 2.26 -21.77 -15.64
CA VAL A 458 1.38 -22.58 -16.48
C VAL A 458 1.95 -23.98 -16.69
N THR A 459 3.06 -24.29 -16.02
CA THR A 459 3.65 -25.62 -16.13
C THR A 459 3.93 -26.29 -14.78
N LEU A 460 3.17 -25.93 -13.75
CA LEU A 460 3.33 -26.50 -12.40
C LEU A 460 2.75 -27.90 -12.40
N ARG A 461 3.40 -28.82 -11.70
CA ARG A 461 2.92 -30.21 -11.62
C ARG A 461 3.08 -30.80 -10.23
PA FAD B . -6.36 9.63 -0.08
O1A FAD B . -5.57 9.71 1.14
O2A FAD B . -5.69 9.34 -1.31
O5B FAD B . -7.07 10.93 -0.27
C5B FAD B . -7.80 11.61 0.82
C4B FAD B . -7.80 13.11 0.53
O4B FAD B . -8.81 13.78 1.32
C3B FAD B . -6.47 13.75 0.89
O3B FAD B . -5.99 14.50 -0.22
C2B FAD B . -6.79 14.66 2.00
O2B FAD B . -5.99 15.82 1.92
C1B FAD B . -8.26 14.98 1.79
N9A FAD B . -8.92 15.34 2.99
C8A FAD B . -8.91 14.71 4.20
N7A FAD B . -9.76 15.25 5.03
C5A FAD B . -10.39 16.28 4.41
C6A FAD B . -11.38 17.19 4.80
N6A FAD B . -12.03 17.09 5.97
N1A FAD B . -11.69 18.18 3.95
C2A FAD B . -11.06 18.25 2.79
N3A FAD B . -10.13 17.42 2.28
C4A FAD B . -9.81 16.42 3.14
N1 FAD B . -1.53 1.79 -2.91
C2 FAD B . -1.37 1.17 -4.09
O2 FAD B . -2.34 0.73 -4.68
N3 FAD B . -0.12 0.98 -4.64
C4 FAD B . 1.02 1.46 -4.05
O4 FAD B . 2.11 1.33 -4.60
C4X FAD B . 0.85 2.14 -2.79
N5 FAD B . 1.94 2.64 -2.15
C5X FAD B . 1.73 3.33 -1.01
C6 FAD B . 2.84 3.81 -0.34
C7 FAD B . 2.69 4.54 0.81
C7M FAD B . 3.92 4.99 1.55
C8 FAD B . 1.38 4.85 1.30
C8M FAD B . 1.22 5.66 2.55
C9 FAD B . 0.27 4.38 0.64
C9A FAD B . 0.42 3.58 -0.51
N10 FAD B . -0.66 3.01 -1.15
C10 FAD B . -0.47 2.32 -2.28
C1' FAD B . -2.03 3.17 -0.59
C2' FAD B . -2.80 4.29 -1.30
O2' FAD B . -2.04 5.49 -1.25
C3' FAD B . -4.17 4.53 -0.62
O3' FAD B . -4.88 3.31 -0.59
C4' FAD B . -5.01 5.55 -1.34
O4' FAD B . -4.32 6.77 -1.37
C5' FAD B . -6.35 5.75 -0.64
O5' FAD B . -7.20 6.80 -1.35
P FAD B . -8.31 7.54 -0.68
O1P FAD B . -9.10 8.19 -1.74
O2P FAD B . -9.00 6.62 0.24
O3P FAD B . -7.60 8.58 0.16
C1 HXP C . 18.59 -5.23 -16.16
C2 HXP C . 18.42 -6.55 -16.67
C3 HXP C . 17.18 -7.16 -16.65
O3 HXP C . 17.18 -8.43 -17.18
C4 HXP C . 16.08 -6.49 -16.15
C4A HXP C . 16.19 -5.18 -15.66
O10 HXP C . 15.03 -4.54 -15.14
C5A HXP C . 15.26 -3.26 -14.69
C5 HXP C . 14.12 -2.63 -14.19
C6 HXP C . 14.15 -1.31 -13.68
O6 HXP C . 13.01 -0.65 -13.18
C7 HXP C . 15.36 -0.65 -13.65
C8 HXP C . 16.51 -1.29 -14.14
C8A HXP C . 16.48 -2.60 -14.65
C9 HXP C . 17.61 -3.22 -15.13
C9A HXP C . 17.46 -4.52 -15.64
C1' HXP C . 18.93 -2.49 -15.09
C2' HXP C . 20.33 -3.06 -15.41
C3' HXP C . 21.60 -2.18 -15.07
O1' HXP C . 22.47 -2.09 -15.96
O2' HXP C . 21.70 -1.62 -13.97
#